data_7DVZ
#
_entry.id   7DVZ
#
_cell.length_a   55.936
_cell.length_b   150.634
_cell.length_c   108.648
_cell.angle_alpha   90.000
_cell.angle_beta   90.000
_cell.angle_gamma   90.000
#
_symmetry.space_group_name_H-M   'P 2 21 21'
#
loop_
_entity.id
_entity.type
_entity.pdbx_description
1 polymer Endo-beta-1,4-mannanase
2 water water
#
_entity_poly.entity_id   1
_entity_poly.type   'polypeptide(L)'
_entity_poly.pdbx_seq_one_letter_code
;MGSSHHHHHHSSGLVPRGSHMASMTGGQQMGRGSMDYIKGMTWGWIGNSEDWRSNEAERSMEEMTNLAINWTAIAFQGLQ
ETAHSPDITFAEPPMVTDENVRWAIAKAKSLGLSVILKPIVNVRDGTWRAHINFFDKDVPCEPTWSQWFKSYESFMLHYA
KLAEDTGCEMLCIGCAMVQTERREKEWRDLIQKVRQVYSGIITYNCDKYQEDEVTWWDAVDVMSSSGYYPIGSWEHHESR
IKKIVESWQKPFFFMEAGCPSRLESGSVPYDWNKNRGQIDMDEQRVFYEEMFKFFHGQKWFYGFMLWDWPAKLYRLEDAS
ENDDYCVYGKPAAEVIKSFFTSNKIAKR
;
_entity_poly.pdbx_strand_id   A,B
#
# COMPACT_ATOMS: atom_id res chain seq x y z
N SER A 11 8.11 31.72 -6.00
CA SER A 11 8.86 30.52 -6.47
C SER A 11 10.06 30.96 -7.33
N SER A 12 10.56 30.07 -8.17
CA SER A 12 11.70 30.37 -9.08
C SER A 12 11.64 29.41 -10.28
N GLY A 13 12.36 29.73 -11.34
CA GLY A 13 12.38 28.94 -12.57
C GLY A 13 13.62 28.06 -12.70
N LEU A 14 14.40 28.25 -13.75
CA LEU A 14 15.59 27.42 -14.05
C LEU A 14 16.71 27.62 -13.01
N VAL A 15 16.67 28.72 -12.31
CA VAL A 15 17.72 28.95 -11.32
C VAL A 15 17.05 29.15 -9.98
N PRO A 16 17.47 28.42 -8.92
CA PRO A 16 16.99 28.67 -7.58
C PRO A 16 17.36 30.11 -7.18
N ARG A 17 16.55 30.70 -6.32
CA ARG A 17 16.85 32.06 -5.83
C ARG A 17 18.27 32.10 -5.20
N GLY A 18 19.02 33.15 -5.49
CA GLY A 18 20.41 33.34 -5.01
C GLY A 18 20.60 33.00 -3.54
N SER A 19 19.70 33.44 -2.66
CA SER A 19 19.74 33.18 -1.21
C SER A 19 19.83 31.67 -0.87
N HIS A 20 19.25 30.77 -1.68
CA HIS A 20 19.32 29.31 -1.42
C HIS A 20 20.64 28.72 -1.93
N MET A 21 21.37 29.45 -2.75
CA MET A 21 22.67 28.93 -3.24
C MET A 21 23.80 29.60 -2.48
N SER A 34 23.52 30.27 -12.15
CA SER A 34 22.97 28.94 -12.51
C SER A 34 23.14 27.93 -11.37
N MET A 35 22.35 26.87 -11.42
CA MET A 35 22.45 25.74 -10.47
C MET A 35 23.74 24.98 -10.80
N ASP A 36 24.44 24.45 -9.81
CA ASP A 36 25.69 23.64 -9.97
C ASP A 36 25.40 22.38 -10.78
N TYR A 37 26.32 21.93 -11.61
CA TYR A 37 26.18 20.67 -12.31
C TYR A 37 26.66 19.61 -11.33
N ILE A 38 25.80 18.66 -11.06
CA ILE A 38 26.08 17.62 -10.03
C ILE A 38 26.92 16.47 -10.61
N LYS A 39 28.10 16.27 -10.03
CA LYS A 39 28.98 15.12 -10.34
C LYS A 39 29.06 14.37 -9.01
N GLY A 40 28.12 13.46 -8.79
CA GLY A 40 28.01 12.87 -7.46
C GLY A 40 27.93 11.37 -7.34
N MET A 41 28.19 10.94 -6.12
CA MET A 41 28.07 9.53 -5.74
C MET A 41 27.36 9.46 -4.38
N THR A 42 26.40 8.57 -4.26
CA THR A 42 25.68 8.38 -2.98
C THR A 42 26.57 7.58 -2.03
N TRP A 43 26.63 7.99 -0.77
CA TRP A 43 27.52 7.36 0.25
C TRP A 43 26.69 6.97 1.46
N GLY A 44 26.96 5.81 2.04
CA GLY A 44 26.43 5.47 3.37
C GLY A 44 25.23 4.55 3.46
N TRP A 45 24.48 4.36 2.38
CA TRP A 45 23.28 3.49 2.41
C TRP A 45 23.67 2.09 2.95
N ILE A 46 22.94 1.55 3.92
CA ILE A 46 21.55 1.91 4.31
C ILE A 46 21.57 2.85 5.53
N GLY A 47 22.75 3.13 6.07
CA GLY A 47 22.88 4.03 7.23
C GLY A 47 22.83 3.23 8.52
N ASN A 48 23.94 2.57 8.82
CA ASN A 48 24.14 1.71 10.01
C ASN A 48 25.23 2.39 10.85
N SER A 49 24.90 2.83 12.05
CA SER A 49 25.79 3.54 12.99
C SER A 49 27.13 2.79 13.09
N GLU A 50 27.07 1.49 13.30
CA GLU A 50 28.30 0.70 13.53
C GLU A 50 29.22 0.78 12.30
N ASP A 51 28.63 0.74 11.10
CA ASP A 51 29.39 0.85 9.82
C ASP A 51 29.97 2.25 9.70
N TRP A 52 29.16 3.28 9.98
CA TRP A 52 29.61 4.68 9.78
C TRP A 52 30.69 5.03 10.80
N ARG A 53 30.66 4.40 11.97
CA ARG A 53 31.62 4.78 13.03
C ARG A 53 32.94 4.02 12.89
N SER A 54 32.98 3.02 12.03
CA SER A 54 34.22 2.24 11.79
C SER A 54 35.30 3.08 11.10
N ASN A 55 36.55 2.68 11.30
CA ASN A 55 37.71 3.34 10.64
C ASN A 55 37.57 3.14 9.13
N GLU A 56 36.95 2.05 8.72
CA GLU A 56 36.74 1.73 7.29
C GLU A 56 35.91 2.82 6.59
N ALA A 57 34.96 3.43 7.30
CA ALA A 57 34.11 4.50 6.72
C ALA A 57 34.97 5.62 6.17
N GLU A 58 35.96 6.06 6.92
CA GLU A 58 36.80 7.19 6.46
C GLU A 58 37.54 6.80 5.18
N ARG A 59 38.09 5.59 5.13
CA ARG A 59 38.83 5.13 3.92
C ARG A 59 37.86 5.04 2.73
N SER A 60 36.66 4.56 2.97
CA SER A 60 35.64 4.39 1.91
C SER A 60 35.35 5.75 1.26
N MET A 61 35.09 6.76 2.09
CA MET A 61 34.75 8.10 1.58
C MET A 61 35.92 8.72 0.81
N GLU A 62 37.13 8.54 1.34
CA GLU A 62 38.36 9.04 0.66
C GLU A 62 38.48 8.38 -0.72
N GLU A 63 38.34 7.07 -0.78
CA GLU A 63 38.43 6.30 -2.05
C GLU A 63 37.40 6.81 -3.06
N MET A 64 36.19 7.12 -2.58
CA MET A 64 35.08 7.59 -3.43
C MET A 64 35.48 8.86 -4.20
N THR A 65 36.29 9.73 -3.59
CA THR A 65 36.74 10.99 -4.24
C THR A 65 37.49 10.73 -5.56
N ASN A 66 38.09 9.55 -5.73
CA ASN A 66 38.83 9.23 -6.97
C ASN A 66 37.87 9.09 -8.16
N LEU A 67 36.54 9.13 -7.97
CA LEU A 67 35.59 9.17 -9.13
C LEU A 67 35.58 10.54 -9.77
N ALA A 68 36.31 11.51 -9.22
CA ALA A 68 36.34 12.93 -9.68
C ALA A 68 34.98 13.62 -9.46
N ILE A 69 34.25 13.16 -8.46
CA ILE A 69 32.96 13.75 -8.04
C ILE A 69 33.21 15.09 -7.34
N ASN A 70 32.22 15.96 -7.36
CA ASN A 70 32.26 17.22 -6.57
C ASN A 70 31.08 17.26 -5.57
N TRP A 71 30.21 16.25 -5.60
CA TRP A 71 29.03 16.16 -4.69
C TRP A 71 28.96 14.76 -4.12
N THR A 72 28.32 14.63 -2.96
CA THR A 72 27.92 13.32 -2.44
C THR A 72 26.54 13.49 -1.82
N ALA A 73 25.73 12.46 -1.93
CA ALA A 73 24.47 12.34 -1.19
C ALA A 73 24.75 11.44 0.01
N ILE A 74 24.62 12.00 1.20
CA ILE A 74 24.73 11.23 2.46
C ILE A 74 23.36 10.60 2.69
N ALA A 75 23.25 9.31 2.42
CA ALA A 75 21.94 8.60 2.46
C ALA A 75 21.86 7.63 3.63
N PHE A 76 20.73 7.65 4.31
CA PHE A 76 20.52 6.79 5.50
C PHE A 76 19.02 6.63 5.75
N GLN A 77 18.67 5.58 6.47
CA GLN A 77 17.25 5.27 6.65
C GLN A 77 16.66 5.66 8.00
N GLY A 78 15.39 5.94 7.91
CA GLY A 78 14.41 6.00 9.01
C GLY A 78 13.48 4.80 8.83
N LEU A 79 12.66 4.48 9.82
CA LEU A 79 11.84 3.26 9.66
C LEU A 79 10.43 3.42 10.23
N GLN A 80 9.48 2.82 9.53
CA GLN A 80 8.08 2.63 9.99
C GLN A 80 7.82 1.12 9.91
N GLU A 81 6.91 0.64 10.76
CA GLU A 81 6.66 -0.82 10.84
C GLU A 81 6.16 -1.36 9.51
N THR A 82 5.08 -0.78 9.00
CA THR A 82 4.35 -1.25 7.79
C THR A 82 4.10 -0.07 6.86
N ALA A 83 3.73 -0.35 5.61
CA ALA A 83 3.37 0.67 4.60
C ALA A 83 2.15 1.47 5.05
N HIS A 84 1.40 1.02 6.05
CA HIS A 84 0.15 1.68 6.48
C HIS A 84 0.19 2.06 7.97
N SER A 85 1.37 2.20 8.56
CA SER A 85 1.48 2.67 9.96
C SER A 85 1.95 4.12 9.98
N PRO A 86 1.49 4.97 10.91
CA PRO A 86 1.87 6.37 10.89
C PRO A 86 3.15 6.78 11.61
N ASP A 87 3.76 5.90 12.38
CA ASP A 87 4.93 6.31 13.19
C ASP A 87 6.26 6.00 12.52
N ILE A 88 7.11 7.02 12.42
CA ILE A 88 8.46 6.82 11.84
C ILE A 88 9.49 6.98 12.96
N THR A 89 10.41 6.03 13.05
CA THR A 89 11.51 6.02 14.03
C THR A 89 12.80 6.40 13.32
N PHE A 90 13.65 7.16 13.99
CA PHE A 90 14.95 7.55 13.38
C PHE A 90 15.98 7.81 14.48
N ALA A 91 17.25 7.83 14.11
CA ALA A 91 18.38 8.12 15.01
C ALA A 91 18.31 7.26 16.27
N GLU A 92 17.91 6.00 16.11
CA GLU A 92 17.87 4.94 17.15
C GLU A 92 18.60 3.69 16.61
N PRO A 93 19.30 2.88 17.42
CA PRO A 93 19.99 1.68 16.92
C PRO A 93 19.09 0.76 16.10
N PRO A 94 19.54 0.25 14.94
CA PRO A 94 20.92 0.41 14.47
C PRO A 94 21.13 1.58 13.48
N MET A 95 20.18 2.51 13.44
CA MET A 95 20.25 3.67 12.52
C MET A 95 21.33 4.68 12.94
N VAL A 96 21.70 5.57 12.04
CA VAL A 96 22.78 6.56 12.29
C VAL A 96 22.41 7.56 13.39
N THR A 97 23.38 7.87 14.23
CA THR A 97 23.21 8.91 15.26
C THR A 97 23.42 10.28 14.60
N ASP A 98 22.91 11.34 15.21
CA ASP A 98 23.14 12.70 14.69
C ASP A 98 24.65 12.94 14.56
N GLU A 99 25.43 12.38 15.49
CA GLU A 99 26.89 12.56 15.49
C GLU A 99 27.49 11.90 14.25
N ASN A 100 27.05 10.68 13.94
CA ASN A 100 27.49 9.95 12.73
C ASN A 100 27.17 10.81 11.51
N VAL A 101 25.99 11.42 11.50
CA VAL A 101 25.57 12.26 10.35
C VAL A 101 26.47 13.48 10.22
N ARG A 102 26.70 14.18 11.32
CA ARG A 102 27.58 15.37 11.35
C ARG A 102 28.97 14.94 10.86
N TRP A 103 29.43 13.76 11.26
CA TRP A 103 30.75 13.25 10.86
C TRP A 103 30.81 13.09 9.33
N ALA A 104 29.83 12.39 8.77
CA ALA A 104 29.82 12.10 7.32
C ALA A 104 29.80 13.41 6.52
N ILE A 105 28.95 14.34 6.94
CA ILE A 105 28.83 15.64 6.24
C ILE A 105 30.18 16.38 6.28
N ALA A 106 30.76 16.48 7.46
CA ALA A 106 32.02 17.22 7.67
C ALA A 106 33.16 16.55 6.90
N LYS A 107 33.23 15.23 6.99
CA LYS A 107 34.30 14.49 6.29
C LYS A 107 34.18 14.78 4.78
N ALA A 108 32.99 14.65 4.24
CA ALA A 108 32.70 14.92 2.81
C ALA A 108 33.16 16.34 2.46
N LYS A 109 32.79 17.30 3.30
CA LYS A 109 33.15 18.71 3.04
C LYS A 109 34.67 18.89 3.12
N SER A 110 35.31 18.24 4.09
CA SER A 110 36.77 18.28 4.29
C SER A 110 37.48 17.77 3.02
N LEU A 111 36.81 16.88 2.29
CA LEU A 111 37.31 16.31 1.02
C LEU A 111 36.95 17.22 -0.16
N GLY A 112 36.32 18.36 0.11
CA GLY A 112 35.98 19.31 -0.96
C GLY A 112 34.67 19.01 -1.68
N LEU A 113 33.83 18.18 -1.09
CA LEU A 113 32.54 17.82 -1.72
C LEU A 113 31.40 18.67 -1.18
N SER A 114 30.47 19.02 -2.06
CA SER A 114 29.18 19.63 -1.66
C SER A 114 28.27 18.47 -1.23
N VAL A 115 27.34 18.72 -0.35
CA VAL A 115 26.56 17.60 0.23
C VAL A 115 25.06 17.73 0.02
N ILE A 116 24.44 16.63 -0.36
CA ILE A 116 22.97 16.48 -0.42
C ILE A 116 22.61 15.55 0.74
N LEU A 117 21.86 16.05 1.71
CA LEU A 117 21.44 15.18 2.82
C LEU A 117 20.21 14.40 2.33
N LYS A 118 20.21 13.09 2.52
CA LYS A 118 19.10 12.27 1.97
C LYS A 118 18.53 11.30 3.01
N PRO A 119 17.66 11.76 3.92
CA PRO A 119 17.00 10.88 4.87
C PRO A 119 15.91 10.14 4.09
N ILE A 120 15.92 8.82 4.18
CA ILE A 120 14.94 7.98 3.45
C ILE A 120 14.17 7.05 4.39
N VAL A 121 12.85 7.13 4.34
CA VAL A 121 12.01 6.23 5.19
C VAL A 121 11.88 4.86 4.52
N ASN A 122 12.24 3.80 5.25
CA ASN A 122 12.08 2.40 4.80
C ASN A 122 10.98 1.74 5.64
N VAL A 123 10.49 0.59 5.19
CA VAL A 123 9.44 -0.15 5.93
C VAL A 123 10.07 -1.43 6.50
N ARG A 124 9.95 -1.59 7.80
CA ARG A 124 10.50 -2.75 8.54
C ARG A 124 10.08 -4.08 7.92
N ASP A 125 8.85 -4.19 7.44
CA ASP A 125 8.37 -5.48 6.88
C ASP A 125 8.95 -5.75 5.50
N GLY A 126 9.78 -4.86 4.99
CA GLY A 126 10.38 -5.04 3.66
C GLY A 126 9.58 -4.40 2.53
N THR A 127 8.38 -3.92 2.79
CA THR A 127 7.59 -3.30 1.70
C THR A 127 8.30 -2.07 1.10
N TRP A 128 8.37 -1.98 -0.21
CA TRP A 128 8.94 -0.79 -0.88
C TRP A 128 8.18 0.47 -0.42
N ARG A 129 8.92 1.52 -0.08
CA ARG A 129 8.38 2.79 0.44
C ARG A 129 7.36 3.44 -0.51
N ALA A 130 7.45 3.13 -1.80
CA ALA A 130 6.51 3.66 -2.81
C ALA A 130 5.06 3.22 -2.51
N HIS A 131 4.90 2.14 -1.75
CA HIS A 131 3.56 1.61 -1.39
C HIS A 131 3.01 2.28 -0.11
N ILE A 132 3.81 3.11 0.55
CA ILE A 132 3.31 3.80 1.77
C ILE A 132 2.07 4.60 1.38
N ASN A 133 0.97 4.34 2.07
CA ASN A 133 -0.34 4.89 1.63
C ASN A 133 -1.41 4.75 2.70
N PHE A 134 -2.34 5.68 2.67
CA PHE A 134 -3.50 5.75 3.61
C PHE A 134 -4.77 6.03 2.78
N PHE A 135 -5.94 5.77 3.36
CA PHE A 135 -7.24 6.03 2.69
C PHE A 135 -7.36 7.53 2.37
N ASP A 136 -7.92 7.84 1.21
CA ASP A 136 -8.13 9.23 0.75
C ASP A 136 -8.99 9.96 1.79
N LYS A 137 -9.99 9.28 2.34
CA LYS A 137 -10.94 9.83 3.32
C LYS A 137 -10.58 9.32 4.72
N ASP A 138 -10.47 10.24 5.66
CA ASP A 138 -10.17 9.89 7.06
C ASP A 138 -11.32 9.07 7.63
N VAL A 139 -11.03 7.93 8.22
CA VAL A 139 -12.06 7.09 8.88
C VAL A 139 -11.59 6.87 10.32
N PRO A 140 -12.49 6.81 11.31
CA PRO A 140 -12.14 6.61 12.71
C PRO A 140 -11.36 5.34 13.05
N CYS A 141 -11.56 4.30 12.24
CA CYS A 141 -11.02 2.95 12.48
C CYS A 141 -9.63 2.76 11.88
N GLU A 142 -9.05 3.81 11.29
CA GLU A 142 -7.72 3.67 10.62
C GLU A 142 -6.81 4.88 10.83
N PRO A 143 -5.48 4.69 10.68
CA PRO A 143 -4.53 5.81 10.75
C PRO A 143 -4.76 6.70 9.51
N THR A 144 -4.49 7.98 9.68
CA THR A 144 -4.76 8.99 8.64
C THR A 144 -3.48 9.59 8.03
N TRP A 145 -3.66 10.20 6.86
CA TRP A 145 -2.60 10.97 6.18
C TRP A 145 -2.07 12.02 7.16
N SER A 146 -2.97 12.61 7.94
CA SER A 146 -2.59 13.67 8.93
C SER A 146 -1.55 13.14 9.92
N GLN A 147 -1.82 11.97 10.47
CA GLN A 147 -0.90 11.32 11.44
C GLN A 147 0.43 10.98 10.76
N TRP A 148 0.40 10.35 9.60
CA TRP A 148 1.66 9.98 8.90
C TRP A 148 2.48 11.23 8.58
N PHE A 149 1.85 12.27 8.03
CA PHE A 149 2.58 13.49 7.63
C PHE A 149 3.16 14.19 8.88
N LYS A 150 2.48 14.10 10.02
CA LYS A 150 3.03 14.67 11.27
C LYS A 150 4.34 13.95 11.64
N SER A 151 4.33 12.63 11.57
CA SER A 151 5.52 11.79 11.88
C SER A 151 6.64 12.02 10.84
N TYR A 152 6.27 12.12 9.57
CA TYR A 152 7.24 12.34 8.46
C TYR A 152 7.84 13.74 8.60
N GLU A 153 7.01 14.73 8.95
CA GLU A 153 7.45 16.12 9.24
C GLU A 153 8.45 16.10 10.40
N SER A 154 8.19 15.35 11.47
CA SER A 154 9.14 15.29 12.60
C SER A 154 10.49 14.77 12.10
N PHE A 155 10.42 13.71 11.32
CA PHE A 155 11.61 13.05 10.74
C PHE A 155 12.37 14.02 9.84
N MET A 156 11.68 14.63 8.90
CA MET A 156 12.36 15.42 7.85
C MET A 156 12.80 16.76 8.47
N LEU A 157 12.07 17.31 9.42
CA LEU A 157 12.48 18.58 10.07
C LEU A 157 13.73 18.35 10.94
N HIS A 158 13.76 17.24 11.67
CA HIS A 158 14.97 16.86 12.44
C HIS A 158 16.20 16.96 11.53
N TYR A 159 16.16 16.30 10.38
CA TYR A 159 17.28 16.30 9.42
C TYR A 159 17.46 17.66 8.72
N ALA A 160 16.37 18.37 8.48
CA ALA A 160 16.45 19.70 7.85
C ALA A 160 17.27 20.63 8.78
N LYS A 161 16.96 20.57 10.07
CA LYS A 161 17.71 21.35 11.09
C LYS A 161 19.18 20.92 11.08
N LEU A 162 19.44 19.62 10.99
CA LEU A 162 20.83 19.10 10.94
C LEU A 162 21.53 19.62 9.67
N ALA A 163 20.82 19.61 8.54
CA ALA A 163 21.34 20.10 7.26
C ALA A 163 21.74 21.58 7.41
N GLU A 164 20.88 22.36 8.06
CA GLU A 164 21.14 23.80 8.31
C GLU A 164 22.40 23.95 9.19
N ASP A 165 22.42 23.31 10.33
CA ASP A 165 23.54 23.37 11.31
C ASP A 165 24.89 23.00 10.68
N THR A 166 24.89 22.01 9.78
CA THR A 166 26.12 21.46 9.16
C THR A 166 26.45 22.11 7.83
N GLY A 167 25.62 23.05 7.36
CA GLY A 167 25.83 23.74 6.08
C GLY A 167 25.67 22.85 4.86
N CYS A 168 24.79 21.86 4.88
CA CYS A 168 24.54 21.02 3.68
C CYS A 168 24.00 21.91 2.56
N GLU A 169 24.60 21.82 1.38
CA GLU A 169 24.20 22.62 0.20
C GLU A 169 22.78 22.26 -0.27
N MET A 170 22.37 21.02 -0.07
CA MET A 170 21.05 20.60 -0.58
C MET A 170 20.45 19.55 0.36
N LEU A 171 19.12 19.54 0.44
CA LEU A 171 18.33 18.55 1.20
C LEU A 171 17.34 17.91 0.23
N CYS A 172 17.33 16.58 0.22
CA CYS A 172 16.35 15.82 -0.57
C CYS A 172 15.23 15.43 0.39
N ILE A 173 14.04 16.00 0.22
CA ILE A 173 12.91 15.84 1.20
C ILE A 173 12.13 14.52 1.08
N GLY A 174 12.50 13.67 0.14
CA GLY A 174 11.79 12.42 -0.06
C GLY A 174 12.35 11.70 -1.26
N CYS A 175 12.08 10.40 -1.31
CA CYS A 175 12.62 9.52 -2.35
C CYS A 175 11.62 8.43 -2.75
N ALA A 176 11.06 8.54 -3.94
CA ALA A 176 10.14 7.55 -4.55
C ALA A 176 8.94 7.25 -3.64
N MET A 177 8.41 8.27 -2.98
CA MET A 177 7.21 8.15 -2.11
C MET A 177 5.97 8.25 -3.02
N VAL A 178 5.90 7.37 -4.00
CA VAL A 178 4.87 7.38 -5.09
C VAL A 178 3.46 7.51 -4.52
N GLN A 179 3.06 6.63 -3.63
CA GLN A 179 1.65 6.63 -3.14
C GLN A 179 1.37 7.74 -2.13
N THR A 180 2.29 8.68 -1.94
CA THR A 180 2.07 9.88 -1.09
C THR A 180 2.00 11.13 -1.97
N GLU A 181 2.53 11.05 -3.18
CA GLU A 181 2.68 12.25 -4.06
C GLU A 181 1.37 12.98 -4.31
N ARG A 182 0.25 12.28 -4.40
CA ARG A 182 -1.08 12.89 -4.64
C ARG A 182 -1.50 13.81 -3.48
N ARG A 183 -0.87 13.68 -2.31
CA ARG A 183 -1.17 14.52 -1.13
C ARG A 183 -0.50 15.88 -1.28
N GLU A 184 -0.91 16.62 -2.31
CA GLU A 184 -0.28 17.91 -2.67
C GLU A 184 -0.31 18.91 -1.51
N LYS A 185 -1.47 19.11 -0.89
CA LYS A 185 -1.54 20.08 0.23
C LYS A 185 -0.53 19.72 1.32
N GLU A 186 -0.48 18.45 1.71
CA GLU A 186 0.44 18.03 2.78
C GLU A 186 1.90 18.22 2.37
N TRP A 187 2.24 17.88 1.14
CA TRP A 187 3.63 18.06 0.66
C TRP A 187 3.99 19.55 0.67
N ARG A 188 3.10 20.41 0.17
CA ARG A 188 3.34 21.87 0.16
C ARG A 188 3.51 22.35 1.60
N ASP A 189 2.63 21.91 2.49
CA ASP A 189 2.69 22.27 3.93
C ASP A 189 4.06 21.86 4.49
N LEU A 190 4.48 20.63 4.23
CA LEU A 190 5.80 20.14 4.72
C LEU A 190 6.93 21.02 4.17
N ILE A 191 6.89 21.34 2.89
CA ILE A 191 7.94 22.17 2.26
C ILE A 191 8.01 23.55 2.95
N GLN A 192 6.87 24.16 3.22
CA GLN A 192 6.79 25.47 3.91
C GLN A 192 7.54 25.35 5.26
N LYS A 193 7.29 24.30 6.01
CA LYS A 193 7.95 24.09 7.32
C LYS A 193 9.45 23.90 7.10
N VAL A 194 9.81 23.13 6.09
CA VAL A 194 11.25 22.91 5.79
C VAL A 194 11.93 24.26 5.49
N ARG A 195 11.32 25.10 4.68
CA ARG A 195 11.86 26.43 4.32
C ARG A 195 12.15 27.26 5.58
N GLN A 196 11.35 27.07 6.63
CA GLN A 196 11.49 27.84 7.89
C GLN A 196 12.76 27.44 8.64
N VAL A 197 13.27 26.23 8.47
CA VAL A 197 14.45 25.78 9.26
C VAL A 197 15.68 25.50 8.39
N TYR A 198 15.54 25.40 7.08
CA TYR A 198 16.65 25.08 6.16
C TYR A 198 16.66 26.09 5.01
N SER A 199 17.80 26.74 4.80
CA SER A 199 17.88 27.86 3.82
C SER A 199 18.59 27.42 2.55
N GLY A 200 18.96 26.13 2.42
CA GLY A 200 19.66 25.68 1.21
C GLY A 200 18.72 25.24 0.08
N ILE A 201 19.25 24.45 -0.84
CA ILE A 201 18.51 23.99 -2.03
C ILE A 201 17.63 22.81 -1.61
N ILE A 202 16.37 22.79 -2.02
CA ILE A 202 15.47 21.63 -1.77
C ILE A 202 15.19 20.89 -3.07
N THR A 203 15.29 19.56 -3.03
CA THR A 203 14.85 18.67 -4.13
C THR A 203 13.94 17.60 -3.54
N TYR A 204 13.12 17.02 -4.39
CA TYR A 204 12.37 15.79 -4.11
C TYR A 204 12.75 14.83 -5.25
N ASN A 205 13.04 13.58 -4.91
CA ASN A 205 13.50 12.51 -5.82
C ASN A 205 12.26 11.67 -6.14
N CYS A 206 11.64 11.87 -7.30
CA CYS A 206 10.52 11.01 -7.73
C CYS A 206 11.11 9.68 -8.24
N ASP A 207 10.27 8.66 -8.30
CA ASP A 207 10.75 7.36 -8.80
C ASP A 207 10.94 7.43 -10.31
N LYS A 208 11.62 6.43 -10.86
CA LYS A 208 11.72 6.18 -12.31
C LYS A 208 10.31 6.16 -12.90
N TYR A 209 10.19 6.79 -14.08
CA TYR A 209 9.00 6.91 -14.95
C TYR A 209 7.98 7.89 -14.37
N GLN A 210 8.25 8.52 -13.21
CA GLN A 210 7.23 9.37 -12.55
C GLN A 210 7.52 10.87 -12.72
N GLU A 211 8.45 11.29 -13.57
CA GLU A 211 8.88 12.71 -13.68
C GLU A 211 7.67 13.61 -13.97
N ASP A 212 6.66 13.15 -14.71
CA ASP A 212 5.48 13.98 -15.07
C ASP A 212 4.29 13.78 -14.11
N GLU A 213 4.47 13.02 -13.04
CA GLU A 213 3.35 12.67 -12.13
C GLU A 213 3.29 13.57 -10.88
N VAL A 214 4.37 14.27 -10.54
CA VAL A 214 4.36 15.12 -9.32
C VAL A 214 3.69 16.45 -9.68
N THR A 215 2.63 16.82 -8.98
CA THR A 215 1.86 18.04 -9.33
C THR A 215 2.44 19.26 -8.59
N TRP A 216 3.43 19.09 -7.72
CA TRP A 216 3.95 20.21 -6.89
C TRP A 216 5.45 20.50 -7.11
N TRP A 217 5.98 20.20 -8.29
CA TRP A 217 7.42 20.49 -8.61
C TRP A 217 7.75 21.97 -8.36
N ASP A 218 6.78 22.90 -8.54
CA ASP A 218 7.02 24.36 -8.38
C ASP A 218 7.45 24.67 -6.95
N ALA A 219 7.07 23.83 -6.00
CA ALA A 219 7.37 24.04 -4.57
C ALA A 219 8.83 23.70 -4.18
N VAL A 220 9.57 23.02 -5.04
CA VAL A 220 10.99 22.68 -4.77
C VAL A 220 11.89 23.50 -5.70
N ASP A 221 13.18 23.57 -5.38
CA ASP A 221 14.15 24.37 -6.17
C ASP A 221 14.52 23.58 -7.41
N VAL A 222 14.69 22.27 -7.28
CA VAL A 222 15.26 21.43 -8.38
C VAL A 222 14.51 20.11 -8.47
N MET A 223 14.11 19.75 -9.69
CA MET A 223 13.41 18.46 -9.92
C MET A 223 14.48 17.36 -9.94
N SER A 224 14.14 16.18 -9.46
CA SER A 224 15.09 15.04 -9.52
C SER A 224 14.32 13.71 -9.63
N SER A 225 14.91 12.70 -10.28
CA SER A 225 14.32 11.36 -10.41
C SER A 225 15.39 10.29 -10.30
N SER A 226 14.94 9.06 -10.20
CA SER A 226 15.82 7.87 -10.17
C SER A 226 15.96 7.34 -11.61
N GLY A 227 17.11 7.57 -12.21
CA GLY A 227 17.39 7.15 -13.58
C GLY A 227 17.87 5.72 -13.70
N TYR A 228 16.99 4.77 -13.43
CA TYR A 228 17.29 3.33 -13.56
C TYR A 228 16.69 2.88 -14.90
N TYR A 229 16.88 3.68 -15.95
CA TYR A 229 16.34 3.32 -17.28
C TYR A 229 17.18 2.22 -17.93
N PRO A 230 16.52 1.24 -18.56
CA PRO A 230 17.19 0.12 -19.14
C PRO A 230 18.05 0.47 -20.36
N ILE A 231 19.02 -0.38 -20.59
CA ILE A 231 19.87 -0.29 -21.80
C ILE A 231 18.95 -0.29 -23.04
N GLY A 232 19.23 0.64 -23.95
CA GLY A 232 18.48 0.80 -25.20
C GLY A 232 17.30 1.74 -25.10
N SER A 233 17.06 2.35 -23.93
CA SER A 233 15.91 3.27 -23.74
C SER A 233 16.34 4.72 -23.46
N TRP A 234 17.62 4.94 -23.25
CA TRP A 234 18.11 6.27 -22.83
C TRP A 234 17.77 7.40 -23.80
N GLU A 235 17.86 7.16 -25.10
CA GLU A 235 17.54 8.20 -26.10
C GLU A 235 16.07 8.60 -25.92
N HIS A 236 15.21 7.61 -25.80
CA HIS A 236 13.75 7.81 -25.60
C HIS A 236 13.51 8.63 -24.33
N HIS A 237 14.10 8.21 -23.23
CA HIS A 237 13.93 8.90 -21.92
C HIS A 237 14.46 10.33 -21.97
N GLU A 238 15.55 10.58 -22.68
CA GLU A 238 16.07 11.97 -22.78
C GLU A 238 14.98 12.85 -23.41
N SER A 239 14.39 12.37 -24.48
CA SER A 239 13.33 13.09 -25.20
C SER A 239 12.14 13.36 -24.28
N ARG A 240 11.66 12.33 -23.61
CA ARG A 240 10.50 12.38 -22.69
C ARG A 240 10.77 13.35 -21.54
N ILE A 241 11.89 13.14 -20.86
CA ILE A 241 12.23 13.96 -19.67
C ILE A 241 12.42 15.42 -20.09
N LYS A 242 13.12 15.65 -21.19
CA LYS A 242 13.38 17.03 -21.66
C LYS A 242 12.07 17.81 -21.78
N LYS A 243 11.04 17.21 -22.38
CA LYS A 243 9.74 17.89 -22.57
C LYS A 243 9.13 18.21 -21.20
N ILE A 244 9.21 17.27 -20.27
CA ILE A 244 8.62 17.46 -18.92
C ILE A 244 9.31 18.64 -18.23
N VAL A 245 10.63 18.64 -18.23
CA VAL A 245 11.46 19.69 -17.59
C VAL A 245 11.13 21.05 -18.24
N GLU A 246 11.07 21.11 -19.56
CA GLU A 246 10.76 22.37 -20.26
C GLU A 246 9.38 22.87 -19.84
N SER A 247 8.41 21.98 -19.67
CA SER A 247 7.04 22.43 -19.29
C SER A 247 7.07 23.01 -17.86
N TRP A 248 7.96 22.53 -16.98
CA TRP A 248 8.01 23.04 -15.58
C TRP A 248 8.94 24.26 -15.44
N GLN A 249 9.91 24.42 -16.34
CA GLN A 249 10.94 25.49 -16.24
C GLN A 249 11.62 25.40 -14.86
N LYS A 250 12.16 24.25 -14.59
CA LYS A 250 12.91 24.05 -13.35
C LYS A 250 14.19 23.30 -13.73
N PRO A 251 15.29 23.41 -12.97
CA PRO A 251 16.45 22.60 -13.24
C PRO A 251 16.12 21.16 -12.85
N PHE A 252 16.77 20.23 -13.51
CA PHE A 252 16.56 18.77 -13.30
C PHE A 252 17.89 18.00 -13.25
N PHE A 253 17.98 17.05 -12.34
CA PHE A 253 19.10 16.08 -12.33
C PHE A 253 18.62 14.72 -11.81
N PHE A 254 19.43 13.70 -12.02
CA PHE A 254 19.08 12.37 -11.48
C PHE A 254 19.61 12.31 -10.04
N MET A 255 18.71 12.13 -9.07
CA MET A 255 19.08 12.00 -7.64
C MET A 255 19.60 10.58 -7.35
N GLU A 256 19.34 9.64 -8.26
CA GLU A 256 19.87 8.25 -8.24
C GLU A 256 20.03 7.78 -9.69
N ALA A 257 21.10 7.05 -9.97
CA ALA A 257 21.34 6.46 -11.30
C ALA A 257 22.41 5.40 -11.11
N GLY A 258 22.13 4.21 -11.59
CA GLY A 258 23.14 3.15 -11.45
C GLY A 258 22.62 1.84 -11.97
N CYS A 259 23.48 0.83 -11.85
CA CYS A 259 23.22 -0.54 -12.33
C CYS A 259 24.17 -1.52 -11.63
N PRO A 260 23.68 -2.67 -11.12
CA PRO A 260 24.57 -3.68 -10.54
C PRO A 260 25.41 -4.34 -11.64
N SER A 261 26.59 -4.82 -11.25
CA SER A 261 27.52 -5.52 -12.15
C SER A 261 27.08 -6.99 -12.23
N ARG A 262 25.92 -7.24 -12.83
CA ARG A 262 25.38 -8.62 -12.90
C ARG A 262 24.81 -8.92 -14.29
N LEU A 263 24.74 -10.21 -14.62
CA LEU A 263 24.20 -10.68 -15.91
C LEU A 263 22.81 -10.10 -16.09
N GLU A 264 22.60 -9.43 -17.23
CA GLU A 264 21.31 -8.84 -17.66
C GLU A 264 20.77 -7.73 -16.73
N SER A 265 21.59 -7.18 -15.83
CA SER A 265 21.10 -6.10 -14.93
C SER A 265 20.73 -4.82 -15.72
N GLY A 266 21.40 -4.55 -16.83
CA GLY A 266 21.13 -3.39 -17.68
C GLY A 266 19.70 -3.38 -18.21
N SER A 267 19.03 -4.53 -18.25
CA SER A 267 17.63 -4.58 -18.71
C SER A 267 16.73 -4.15 -17.56
N VAL A 268 17.18 -4.29 -16.32
CA VAL A 268 16.41 -3.89 -15.12
C VAL A 268 17.39 -3.32 -14.08
N PRO A 269 17.98 -2.14 -14.31
CA PRO A 269 18.96 -1.54 -13.40
C PRO A 269 18.49 -1.27 -11.97
N TYR A 270 17.19 -1.08 -11.78
CA TYR A 270 16.59 -0.83 -10.45
C TYR A 270 16.38 -2.15 -9.69
N ASP A 271 16.53 -3.31 -10.32
CA ASP A 271 16.14 -4.57 -9.66
C ASP A 271 17.33 -5.10 -8.84
N TRP A 272 17.38 -4.72 -7.57
CA TRP A 272 18.51 -5.14 -6.69
C TRP A 272 18.49 -6.65 -6.39
N ASN A 273 17.46 -7.39 -6.78
CA ASN A 273 17.40 -8.84 -6.49
C ASN A 273 17.67 -9.68 -7.74
N LYS A 274 17.89 -9.04 -8.88
CA LYS A 274 18.12 -9.74 -10.16
C LYS A 274 19.48 -10.42 -10.20
N ASN A 275 19.48 -11.71 -10.52
CA ASN A 275 20.69 -12.54 -10.74
C ASN A 275 21.80 -12.29 -9.71
N ARG A 276 21.52 -12.45 -8.43
CA ARG A 276 22.54 -12.22 -7.39
C ARG A 276 23.70 -13.20 -7.55
N GLY A 277 24.92 -12.69 -7.44
CA GLY A 277 26.11 -13.54 -7.56
C GLY A 277 26.52 -13.85 -8.98
N GLN A 278 25.76 -13.44 -10.00
CA GLN A 278 26.10 -13.70 -11.41
C GLN A 278 26.75 -12.43 -11.96
N ILE A 279 28.07 -12.41 -11.87
CA ILE A 279 28.88 -11.20 -12.18
C ILE A 279 28.96 -10.86 -13.66
N ASP A 280 28.67 -9.61 -13.98
CA ASP A 280 28.90 -9.12 -15.35
C ASP A 280 29.32 -7.65 -15.24
N MET A 281 30.63 -7.43 -15.29
CA MET A 281 31.24 -6.09 -15.22
C MET A 281 30.82 -5.29 -16.45
N ASP A 282 30.74 -5.98 -17.58
CA ASP A 282 30.60 -5.33 -18.89
C ASP A 282 29.20 -4.71 -18.99
N GLU A 283 28.21 -5.38 -18.40
CA GLU A 283 26.79 -4.97 -18.37
C GLU A 283 26.67 -3.60 -17.64
N GLN A 284 27.36 -3.45 -16.52
CA GLN A 284 27.38 -2.18 -15.75
C GLN A 284 28.07 -1.12 -16.59
N ARG A 285 29.20 -1.46 -17.20
CA ARG A 285 29.95 -0.53 -18.07
C ARG A 285 29.01 -0.03 -19.18
N VAL A 286 28.34 -0.93 -19.89
CA VAL A 286 27.48 -0.54 -21.07
C VAL A 286 26.36 0.40 -20.60
N PHE A 287 25.78 0.13 -19.43
CA PHE A 287 24.69 0.97 -18.89
C PHE A 287 25.22 2.40 -18.76
N TYR A 288 26.40 2.58 -18.11
CA TYR A 288 27.00 3.90 -17.88
C TYR A 288 27.35 4.61 -19.19
N GLU A 289 27.93 3.89 -20.17
CA GLU A 289 28.28 4.50 -21.48
C GLU A 289 27.00 5.02 -22.14
N GLU A 290 25.91 4.27 -22.09
CA GLU A 290 24.68 4.71 -22.82
C GLU A 290 24.05 5.89 -22.09
N MET A 291 24.00 5.83 -20.76
CA MET A 291 23.38 6.90 -19.95
C MET A 291 24.09 8.21 -20.24
N PHE A 292 25.41 8.24 -20.19
CA PHE A 292 26.20 9.45 -20.44
C PHE A 292 26.16 9.86 -21.91
N LYS A 293 25.93 8.93 -22.81
CA LYS A 293 25.82 9.28 -24.26
C LYS A 293 24.62 10.22 -24.44
N PHE A 294 23.50 9.96 -23.78
CA PHE A 294 22.25 10.72 -24.02
C PHE A 294 22.05 11.84 -23.01
N PHE A 295 22.56 11.68 -21.79
CA PHE A 295 22.46 12.75 -20.76
C PHE A 295 23.87 13.19 -20.40
N HIS A 296 24.21 14.40 -20.81
CA HIS A 296 25.59 14.91 -20.69
C HIS A 296 25.48 16.38 -20.28
N GLY A 297 25.67 17.29 -21.21
CA GLY A 297 25.86 18.71 -20.91
C GLY A 297 24.70 19.58 -21.36
N GLN A 298 23.58 19.02 -21.81
CA GLN A 298 22.38 19.84 -22.16
C GLN A 298 22.11 20.89 -21.07
N LYS A 299 21.72 22.11 -21.45
CA LYS A 299 21.67 23.27 -20.52
C LYS A 299 20.51 23.11 -19.52
N TRP A 300 19.50 22.32 -19.83
CA TRP A 300 18.34 22.10 -18.91
C TRP A 300 18.66 20.99 -17.88
N PHE A 301 19.78 20.27 -18.04
CA PHE A 301 20.14 19.06 -17.25
C PHE A 301 21.31 19.37 -16.32
N TYR A 302 21.25 18.90 -15.06
CA TYR A 302 22.23 19.31 -14.02
C TYR A 302 22.90 18.10 -13.39
N GLY A 303 22.92 16.97 -14.10
CA GLY A 303 23.87 15.86 -13.83
C GLY A 303 23.29 14.73 -13.01
N PHE A 304 24.15 14.11 -12.23
CA PHE A 304 23.99 12.73 -11.72
C PHE A 304 24.45 12.64 -10.29
N MET A 305 23.57 12.16 -9.46
CA MET A 305 23.93 11.60 -8.17
C MET A 305 23.85 10.08 -8.33
N LEU A 306 25.00 9.45 -8.54
CA LEU A 306 25.10 7.99 -8.80
C LEU A 306 24.75 7.13 -7.57
N TRP A 307 24.37 5.89 -7.84
CA TRP A 307 23.96 4.90 -6.82
C TRP A 307 24.78 3.63 -7.00
N ASP A 308 25.54 3.21 -6.00
CA ASP A 308 25.88 3.92 -4.74
C ASP A 308 27.24 3.42 -4.25
N TRP A 309 27.66 3.88 -3.08
CA TRP A 309 28.98 3.60 -2.44
C TRP A 309 28.79 3.29 -0.95
N PRO A 310 29.19 2.12 -0.45
CA PRO A 310 28.95 1.74 0.93
C PRO A 310 29.91 2.39 1.93
N ALA A 311 29.53 2.41 3.22
CA ALA A 311 30.40 2.92 4.29
C ALA A 311 31.60 1.97 4.45
N LYS A 312 31.35 0.67 4.33
CA LYS A 312 32.39 -0.37 4.41
C LYS A 312 32.59 -0.91 2.98
N LEU A 313 33.72 -0.57 2.38
CA LEU A 313 34.02 -0.86 0.96
C LEU A 313 34.78 -2.18 0.90
N TYR A 314 34.49 -3.00 -0.09
CA TYR A 314 35.20 -4.27 -0.32
C TYR A 314 36.63 -3.97 -0.79
N ARG A 315 37.48 -4.98 -0.63
CA ARG A 315 38.88 -4.89 -1.08
C ARG A 315 38.91 -4.81 -2.60
N LEU A 316 39.81 -4.01 -3.12
CA LEU A 316 39.99 -3.84 -4.57
C LEU A 316 40.14 -5.23 -5.20
N GLU A 317 40.79 -6.16 -4.50
CA GLU A 317 41.03 -7.54 -5.02
C GLU A 317 39.75 -8.38 -5.11
N ASP A 318 38.68 -7.95 -4.47
CA ASP A 318 37.40 -8.70 -4.50
C ASP A 318 36.42 -8.03 -5.48
N ALA A 319 36.85 -6.96 -6.12
CA ALA A 319 35.93 -6.18 -6.97
C ALA A 319 35.38 -7.01 -8.13
N SER A 320 36.23 -7.79 -8.78
CA SER A 320 35.84 -8.61 -9.96
C SER A 320 34.78 -9.65 -9.60
N GLU A 321 34.58 -9.97 -8.33
CA GLU A 321 33.55 -10.95 -7.92
C GLU A 321 32.42 -10.26 -7.13
N ASN A 322 32.37 -8.94 -7.16
CA ASN A 322 31.33 -8.18 -6.40
C ASN A 322 30.14 -7.88 -7.31
N ASP A 323 28.93 -8.10 -6.83
CA ASP A 323 27.68 -7.97 -7.62
C ASP A 323 26.89 -6.69 -7.29
N ASP A 324 27.47 -5.79 -6.50
CA ASP A 324 26.74 -4.57 -6.04
C ASP A 324 26.65 -3.46 -7.10
N TYR A 325 25.90 -2.41 -6.77
CA TYR A 325 25.78 -1.20 -7.60
C TYR A 325 27.15 -0.50 -7.63
N CYS A 326 27.92 -0.63 -6.55
CA CYS A 326 29.23 0.04 -6.43
C CYS A 326 30.12 -0.21 -7.66
N VAL A 327 30.76 0.84 -8.15
CA VAL A 327 31.62 0.76 -9.35
C VAL A 327 33.10 0.60 -8.95
N TYR A 328 33.39 0.65 -7.66
CA TYR A 328 34.79 0.55 -7.18
C TYR A 328 35.51 -0.68 -7.73
N GLY A 329 36.66 -0.46 -8.36
CA GLY A 329 37.48 -1.55 -8.93
C GLY A 329 36.86 -2.19 -10.15
N LYS A 330 35.90 -1.52 -10.76
CA LYS A 330 35.19 -2.04 -11.96
C LYS A 330 35.31 -1.10 -13.16
N PRO A 331 35.17 -1.61 -14.39
CA PRO A 331 35.28 -0.82 -15.61
C PRO A 331 34.35 0.41 -15.60
N ALA A 332 33.17 0.30 -15.01
CA ALA A 332 32.22 1.42 -14.98
C ALA A 332 32.84 2.64 -14.27
N ALA A 333 33.64 2.42 -13.25
CA ALA A 333 34.30 3.52 -12.52
C ALA A 333 35.11 4.38 -13.51
N GLU A 334 35.76 3.75 -14.48
CA GLU A 334 36.57 4.46 -15.50
C GLU A 334 35.64 5.27 -16.41
N VAL A 335 34.50 4.70 -16.78
CA VAL A 335 33.54 5.48 -17.61
C VAL A 335 33.16 6.75 -16.83
N ILE A 336 32.81 6.58 -15.56
CA ILE A 336 32.38 7.71 -14.68
C ILE A 336 33.48 8.77 -14.60
N LYS A 337 34.69 8.33 -14.27
CA LYS A 337 35.86 9.25 -14.12
C LYS A 337 36.10 10.03 -15.41
N SER A 338 36.17 9.37 -16.58
CA SER A 338 36.40 10.07 -17.85
C SER A 338 35.23 11.02 -18.13
N PHE A 339 34.00 10.66 -17.81
CA PHE A 339 32.85 11.57 -18.02
C PHE A 339 32.99 12.80 -17.10
N PHE A 340 33.18 12.60 -15.79
CA PHE A 340 33.25 13.72 -14.81
C PHE A 340 34.50 14.60 -14.99
N THR A 341 35.59 14.12 -15.60
CA THR A 341 36.80 14.96 -15.83
C THR A 341 36.80 15.54 -17.26
N SER A 342 35.86 15.15 -18.11
CA SER A 342 35.84 15.56 -19.52
C SER A 342 35.55 17.06 -19.59
N ASN A 343 36.03 17.75 -20.60
CA ASN A 343 35.90 19.23 -20.62
C ASN A 343 34.43 19.68 -20.67
N LYS A 344 33.62 19.10 -21.55
CA LYS A 344 32.19 19.49 -21.67
C LYS A 344 31.49 19.48 -20.31
N ILE A 345 31.78 18.49 -19.47
CA ILE A 345 31.12 18.32 -18.15
C ILE A 345 31.82 19.16 -17.08
N ALA A 346 33.15 19.21 -17.12
CA ALA A 346 33.91 20.00 -16.13
C ALA A 346 33.62 21.51 -16.27
N LYS A 347 33.27 22.00 -17.47
CA LYS A 347 32.91 23.43 -17.71
C LYS A 347 31.51 23.74 -17.17
N ARG A 348 30.65 22.73 -17.04
CA ARG A 348 29.27 22.95 -16.54
C ARG A 348 29.35 23.32 -15.05
N MET B 35 -37.08 -6.31 -3.56
CA MET B 35 -35.92 -6.88 -2.82
C MET B 35 -36.38 -7.45 -1.47
N ASP B 36 -35.93 -8.64 -1.12
CA ASP B 36 -36.24 -9.32 0.14
C ASP B 36 -35.67 -8.62 1.36
N TYR B 37 -36.34 -8.71 2.50
CA TYR B 37 -35.74 -8.23 3.72
C TYR B 37 -34.78 -9.36 4.15
N ILE B 38 -33.52 -9.05 4.31
CA ILE B 38 -32.46 -10.03 4.64
C ILE B 38 -32.34 -10.30 6.15
N LYS B 39 -32.60 -11.54 6.54
CA LYS B 39 -32.37 -12.01 7.92
C LYS B 39 -31.28 -13.07 7.77
N GLY B 40 -30.02 -12.65 7.86
CA GLY B 40 -28.97 -13.60 7.50
C GLY B 40 -27.82 -13.75 8.45
N MET B 41 -27.11 -14.86 8.25
CA MET B 41 -25.87 -15.15 8.97
C MET B 41 -24.83 -15.63 7.95
N THR B 42 -23.61 -15.12 8.08
CA THR B 42 -22.51 -15.57 7.19
C THR B 42 -22.01 -16.93 7.69
N TRP B 43 -21.76 -17.85 6.77
CA TRP B 43 -21.28 -19.20 7.10
C TRP B 43 -20.04 -19.62 6.29
N GLY B 44 -19.08 -20.25 6.94
CA GLY B 44 -17.94 -20.88 6.24
C GLY B 44 -16.61 -20.18 6.32
N TRP B 45 -16.58 -18.90 6.72
CA TRP B 45 -15.30 -18.16 6.77
C TRP B 45 -14.31 -18.93 7.66
N ILE B 46 -13.10 -19.20 7.18
CA ILE B 46 -12.37 -18.47 6.11
C ILE B 46 -12.47 -19.25 4.79
N GLY B 47 -13.08 -20.44 4.81
CA GLY B 47 -13.24 -21.27 3.61
C GLY B 47 -12.08 -22.25 3.50
N ASN B 48 -12.15 -23.29 4.30
CA ASN B 48 -11.13 -24.35 4.39
C ASN B 48 -11.80 -25.65 3.96
N SER B 49 -11.31 -26.24 2.87
CA SER B 49 -11.86 -27.48 2.29
C SER B 49 -12.04 -28.55 3.38
N GLU B 50 -11.00 -28.81 4.13
CA GLU B 50 -11.03 -29.83 5.21
C GLU B 50 -12.20 -29.56 6.17
N ASP B 51 -12.34 -28.32 6.61
CA ASP B 51 -13.42 -27.92 7.54
C ASP B 51 -14.78 -28.12 6.88
N TRP B 52 -14.93 -27.67 5.63
CA TRP B 52 -16.22 -27.77 4.92
C TRP B 52 -16.62 -29.22 4.62
N ARG B 53 -15.66 -30.12 4.45
CA ARG B 53 -16.00 -31.54 4.14
C ARG B 53 -16.16 -32.37 5.42
N SER B 54 -15.89 -31.78 6.55
CA SER B 54 -16.06 -32.49 7.82
C SER B 54 -17.55 -32.76 8.07
N ASN B 55 -17.83 -33.79 8.87
CA ASN B 55 -19.22 -34.10 9.29
C ASN B 55 -19.79 -32.90 10.10
N GLU B 56 -18.90 -32.20 10.78
CA GLU B 56 -19.27 -31.05 11.65
C GLU B 56 -19.91 -29.94 10.81
N ALA B 57 -19.52 -29.79 9.54
CA ALA B 57 -20.04 -28.68 8.71
C ALA B 57 -21.57 -28.75 8.58
N GLU B 58 -22.10 -29.92 8.23
CA GLU B 58 -23.56 -30.05 8.06
C GLU B 58 -24.27 -29.69 9.37
N ARG B 59 -23.77 -30.17 10.49
CA ARG B 59 -24.38 -29.90 11.82
C ARG B 59 -24.32 -28.40 12.12
N SER B 60 -23.21 -27.75 11.79
CA SER B 60 -23.05 -26.29 12.01
C SER B 60 -24.14 -25.52 11.25
N MET B 61 -24.27 -25.82 9.96
CA MET B 61 -25.26 -25.11 9.13
C MET B 61 -26.69 -25.34 9.65
N GLU B 62 -27.00 -26.59 9.99
CA GLU B 62 -28.32 -26.93 10.57
C GLU B 62 -28.55 -26.09 11.84
N GLU B 63 -27.57 -26.07 12.73
CA GLU B 63 -27.68 -25.31 14.00
C GLU B 63 -27.93 -23.81 13.71
N MET B 64 -27.28 -23.29 12.69
CA MET B 64 -27.40 -21.86 12.31
C MET B 64 -28.85 -21.50 11.99
N THR B 65 -29.63 -22.42 11.43
CA THR B 65 -31.04 -22.15 11.08
C THR B 65 -31.88 -21.77 12.32
N ASN B 66 -31.46 -22.15 13.54
CA ASN B 66 -32.20 -21.83 14.79
C ASN B 66 -32.15 -20.32 15.09
N LEU B 67 -31.40 -19.53 14.30
CA LEU B 67 -31.34 -18.06 14.48
C LEU B 67 -32.58 -17.46 13.84
N ALA B 68 -33.38 -18.27 13.12
CA ALA B 68 -34.59 -17.84 12.40
C ALA B 68 -34.18 -16.95 11.21
N ILE B 69 -33.02 -17.23 10.66
CA ILE B 69 -32.56 -16.56 9.42
C ILE B 69 -33.33 -17.10 8.22
N ASN B 70 -33.40 -16.30 7.15
CA ASN B 70 -33.97 -16.76 5.86
C ASN B 70 -32.90 -16.65 4.76
N TRP B 71 -31.71 -16.15 5.08
CA TRP B 71 -30.57 -16.04 4.14
C TRP B 71 -29.25 -16.42 4.81
N THR B 72 -28.32 -16.92 4.01
CA THR B 72 -26.93 -17.07 4.45
C THR B 72 -26.01 -16.54 3.35
N ALA B 73 -24.90 -15.95 3.75
CA ALA B 73 -23.79 -15.62 2.85
C ALA B 73 -22.76 -16.74 2.99
N ILE B 74 -22.53 -17.50 1.93
CA ILE B 74 -21.46 -18.54 1.89
C ILE B 74 -20.17 -17.79 1.57
N ALA B 75 -19.32 -17.65 2.58
CA ALA B 75 -18.09 -16.83 2.48
C ALA B 75 -16.83 -17.70 2.47
N PHE B 76 -15.87 -17.37 1.63
CA PHE B 76 -14.62 -18.13 1.50
C PHE B 76 -13.58 -17.27 0.80
N GLN B 77 -12.32 -17.58 1.04
CA GLN B 77 -11.20 -16.75 0.53
C GLN B 77 -10.63 -17.29 -0.79
N GLY B 78 -10.10 -16.36 -1.57
CA GLY B 78 -9.00 -16.59 -2.52
C GLY B 78 -7.78 -15.86 -2.00
N LEU B 79 -6.62 -16.03 -2.61
CA LEU B 79 -5.37 -15.51 -2.03
C LEU B 79 -4.51 -14.87 -3.13
N GLN B 80 -3.86 -13.80 -2.73
CA GLN B 80 -2.75 -13.15 -3.48
C GLN B 80 -1.60 -13.02 -2.47
N GLU B 81 -0.36 -13.01 -2.94
CA GLU B 81 0.84 -13.02 -2.08
C GLU B 81 0.91 -11.76 -1.23
N THR B 82 0.90 -10.60 -1.87
CA THR B 82 1.04 -9.30 -1.20
C THR B 82 -0.08 -8.36 -1.67
N ALA B 83 -0.23 -7.23 -1.02
CA ALA B 83 -1.26 -6.24 -1.40
C ALA B 83 -0.97 -5.66 -2.78
N HIS B 84 0.26 -5.84 -3.26
CA HIS B 84 0.69 -5.23 -4.54
C HIS B 84 1.09 -6.28 -5.58
N SER B 85 0.59 -7.50 -5.43
CA SER B 85 0.86 -8.54 -6.45
C SER B 85 -0.40 -8.79 -7.28
N PRO B 86 -0.29 -9.06 -8.59
CA PRO B 86 -1.46 -9.18 -9.43
C PRO B 86 -2.14 -10.55 -9.53
N ASP B 87 -1.52 -11.61 -9.00
CA ASP B 87 -2.07 -12.98 -9.19
C ASP B 87 -2.91 -13.43 -8.01
N ILE B 88 -4.15 -13.81 -8.31
CA ILE B 88 -5.08 -14.37 -7.30
C ILE B 88 -5.22 -15.88 -7.56
N THR B 89 -5.04 -16.65 -6.51
CA THR B 89 -5.17 -18.11 -6.50
C THR B 89 -6.51 -18.46 -5.85
N PHE B 90 -7.18 -19.49 -6.35
CA PHE B 90 -8.46 -19.89 -5.75
C PHE B 90 -8.73 -21.36 -6.04
N ALA B 91 -9.58 -21.97 -5.23
CA ALA B 91 -10.04 -23.37 -5.42
C ALA B 91 -8.83 -24.32 -5.52
N GLU B 92 -7.83 -24.06 -4.72
CA GLU B 92 -6.60 -24.88 -4.55
C GLU B 92 -6.38 -25.05 -3.05
N PRO B 93 -5.85 -26.19 -2.56
CA PRO B 93 -5.64 -26.41 -1.13
C PRO B 93 -4.86 -25.27 -0.47
N PRO B 94 -5.29 -24.76 0.70
CA PRO B 94 -6.35 -25.37 1.49
C PRO B 94 -7.72 -24.71 1.29
N MET B 95 -7.87 -23.96 0.22
CA MET B 95 -9.13 -23.24 -0.12
C MET B 95 -10.23 -24.21 -0.55
N VAL B 96 -11.47 -23.74 -0.55
CA VAL B 96 -12.62 -24.61 -0.86
C VAL B 96 -12.58 -25.08 -2.32
N THR B 97 -12.97 -26.33 -2.54
CA THR B 97 -13.11 -26.85 -3.91
C THR B 97 -14.48 -26.38 -4.42
N ASP B 98 -14.68 -26.43 -5.73
CA ASP B 98 -15.99 -26.10 -6.33
C ASP B 98 -17.06 -27.03 -5.74
N GLU B 99 -16.71 -28.29 -5.52
CA GLU B 99 -17.65 -29.29 -4.97
C GLU B 99 -18.11 -28.82 -3.59
N ASN B 100 -17.17 -28.37 -2.77
CA ASN B 100 -17.42 -27.83 -1.41
C ASN B 100 -18.43 -26.67 -1.50
N VAL B 101 -18.21 -25.78 -2.46
CA VAL B 101 -19.09 -24.61 -2.64
C VAL B 101 -20.50 -25.06 -3.07
N ARG B 102 -20.58 -25.94 -4.06
CA ARG B 102 -21.86 -26.50 -4.53
C ARG B 102 -22.58 -27.14 -3.32
N TRP B 103 -21.84 -27.83 -2.47
CA TRP B 103 -22.44 -28.48 -1.28
C TRP B 103 -23.05 -27.40 -0.36
N ALA B 104 -22.27 -26.38 -0.03
CA ALA B 104 -22.70 -25.36 0.95
C ALA B 104 -23.99 -24.68 0.46
N ILE B 105 -24.01 -24.34 -0.81
CA ILE B 105 -25.14 -23.63 -1.46
C ILE B 105 -26.37 -24.54 -1.40
N ALA B 106 -26.25 -25.77 -1.88
CA ALA B 106 -27.34 -26.78 -1.93
C ALA B 106 -27.83 -27.05 -0.50
N LYS B 107 -26.93 -27.32 0.44
CA LYS B 107 -27.33 -27.59 1.84
C LYS B 107 -28.14 -26.40 2.37
N ALA B 108 -27.65 -25.18 2.20
CA ALA B 108 -28.35 -23.97 2.68
C ALA B 108 -29.74 -23.91 2.05
N LYS B 109 -29.82 -24.12 0.74
CA LYS B 109 -31.13 -24.05 0.06
C LYS B 109 -32.04 -25.18 0.55
N SER B 110 -31.48 -26.35 0.80
CA SER B 110 -32.28 -27.50 1.30
C SER B 110 -32.81 -27.16 2.71
N LEU B 111 -32.18 -26.22 3.39
CA LEU B 111 -32.62 -25.78 4.74
C LEU B 111 -33.63 -24.61 4.59
N GLY B 112 -33.99 -24.24 3.36
CA GLY B 112 -34.98 -23.17 3.16
C GLY B 112 -34.36 -21.77 3.08
N LEU B 113 -33.04 -21.66 2.98
CA LEU B 113 -32.31 -20.36 2.97
C LEU B 113 -32.09 -19.90 1.52
N SER B 114 -32.21 -18.59 1.30
CA SER B 114 -31.67 -17.91 0.10
C SER B 114 -30.17 -17.69 0.33
N VAL B 115 -29.39 -17.64 -0.74
CA VAL B 115 -27.92 -17.65 -0.63
C VAL B 115 -27.32 -16.42 -1.32
N ILE B 116 -26.38 -15.79 -0.62
CA ILE B 116 -25.46 -14.77 -1.17
C ILE B 116 -24.10 -15.46 -1.29
N LEU B 117 -23.58 -15.59 -2.51
CA LEU B 117 -22.23 -16.17 -2.65
C LEU B 117 -21.22 -15.03 -2.39
N LYS B 118 -20.24 -15.28 -1.54
CA LYS B 118 -19.28 -14.22 -1.16
C LYS B 118 -17.82 -14.65 -1.30
N PRO B 119 -17.24 -14.66 -2.52
CA PRO B 119 -15.82 -14.94 -2.68
C PRO B 119 -15.07 -13.68 -2.25
N ILE B 120 -14.11 -13.84 -1.36
CA ILE B 120 -13.33 -12.72 -0.78
C ILE B 120 -11.84 -12.97 -1.02
N VAL B 121 -11.13 -12.01 -1.61
CA VAL B 121 -9.66 -12.10 -1.77
C VAL B 121 -8.97 -11.65 -0.48
N ASN B 122 -8.08 -12.49 0.03
CA ASN B 122 -7.21 -12.14 1.17
C ASN B 122 -5.78 -12.07 0.66
N VAL B 123 -4.90 -11.54 1.49
CA VAL B 123 -3.45 -11.41 1.21
C VAL B 123 -2.70 -12.36 2.16
N ARG B 124 -1.87 -13.21 1.57
CA ARG B 124 -1.12 -14.29 2.28
C ARG B 124 -0.27 -13.68 3.38
N ASP B 125 0.32 -12.51 3.16
CA ASP B 125 1.25 -11.88 4.14
C ASP B 125 0.45 -11.27 5.26
N GLY B 126 -0.88 -11.41 5.24
CA GLY B 126 -1.73 -10.92 6.34
C GLY B 126 -2.25 -9.50 6.18
N THR B 127 -1.74 -8.74 5.21
CA THR B 127 -2.21 -7.35 4.99
C THR B 127 -3.73 -7.32 4.70
N TRP B 128 -4.43 -6.42 5.35
CA TRP B 128 -5.89 -6.24 5.12
C TRP B 128 -6.15 -5.94 3.63
N ARG B 129 -7.10 -6.64 3.02
CA ARG B 129 -7.45 -6.51 1.58
C ARG B 129 -7.74 -5.05 1.16
N ALA B 130 -8.17 -4.20 2.08
CA ALA B 130 -8.49 -2.79 1.82
C ALA B 130 -7.26 -2.01 1.33
N HIS B 131 -6.06 -2.54 1.55
CA HIS B 131 -4.78 -1.88 1.14
C HIS B 131 -4.32 -2.40 -0.22
N ILE B 132 -5.02 -3.37 -0.82
CA ILE B 132 -4.65 -3.86 -2.18
C ILE B 132 -4.71 -2.67 -3.13
N ASN B 133 -3.63 -2.45 -3.87
CA ASN B 133 -3.38 -1.15 -4.52
C ASN B 133 -2.22 -1.28 -5.51
N PHE B 134 -2.30 -0.47 -6.54
CA PHE B 134 -1.31 -0.34 -7.64
C PHE B 134 -1.18 1.16 -7.96
N PHE B 135 -0.06 1.51 -8.58
CA PHE B 135 0.22 2.90 -9.02
C PHE B 135 -0.89 3.38 -9.97
N ASP B 136 -1.29 4.62 -9.86
CA ASP B 136 -2.34 5.21 -10.73
C ASP B 136 -1.87 5.15 -12.18
N LYS B 137 -0.59 5.35 -12.38
CA LYS B 137 0.12 5.37 -13.70
C LYS B 137 0.77 4.02 -13.93
N ASP B 138 0.48 3.36 -15.06
CA ASP B 138 1.17 2.11 -15.46
C ASP B 138 2.65 2.42 -15.69
N VAL B 139 3.52 1.66 -15.06
CA VAL B 139 4.97 1.80 -15.33
C VAL B 139 5.53 0.43 -15.69
N PRO B 140 6.55 0.33 -16.56
CA PRO B 140 7.09 -0.96 -16.97
C PRO B 140 7.67 -1.83 -15.84
N CYS B 141 8.09 -1.18 -14.79
CA CYS B 141 8.81 -1.81 -13.66
C CYS B 141 7.88 -2.32 -12.55
N GLU B 142 6.56 -2.22 -12.71
CA GLU B 142 5.64 -2.66 -11.64
C GLU B 142 4.45 -3.41 -12.23
N PRO B 143 3.73 -4.20 -11.41
CA PRO B 143 2.51 -4.83 -11.84
C PRO B 143 1.45 -3.71 -11.96
N THR B 144 0.46 -3.92 -12.81
CA THR B 144 -0.53 -2.87 -13.11
C THR B 144 -1.95 -3.23 -12.67
N TRP B 145 -2.82 -2.24 -12.67
CA TRP B 145 -4.25 -2.42 -12.36
C TRP B 145 -4.85 -3.44 -13.35
N SER B 146 -4.51 -3.33 -14.63
CA SER B 146 -5.10 -4.25 -15.62
C SER B 146 -4.68 -5.69 -15.30
N GLN B 147 -3.43 -5.88 -14.88
CA GLN B 147 -2.98 -7.24 -14.49
C GLN B 147 -3.82 -7.72 -13.30
N TRP B 148 -3.93 -6.91 -12.27
CA TRP B 148 -4.72 -7.31 -11.08
C TRP B 148 -6.19 -7.53 -11.45
N PHE B 149 -6.82 -6.60 -12.17
CA PHE B 149 -8.23 -6.76 -12.58
C PHE B 149 -8.45 -8.02 -13.41
N LYS B 150 -7.54 -8.35 -14.31
CA LYS B 150 -7.68 -9.59 -15.11
C LYS B 150 -7.74 -10.79 -14.16
N SER B 151 -6.86 -10.83 -13.19
CA SER B 151 -6.83 -11.94 -12.20
C SER B 151 -8.09 -11.91 -11.32
N TYR B 152 -8.51 -10.73 -10.87
CA TYR B 152 -9.73 -10.58 -10.05
C TYR B 152 -10.94 -11.02 -10.87
N GLU B 153 -10.99 -10.61 -12.14
CA GLU B 153 -12.07 -11.04 -13.07
C GLU B 153 -12.13 -12.58 -13.14
N SER B 154 -10.99 -13.26 -13.34
CA SER B 154 -10.98 -14.74 -13.45
C SER B 154 -11.61 -15.33 -12.18
N PHE B 155 -11.14 -14.85 -11.04
CA PHE B 155 -11.62 -15.26 -9.70
C PHE B 155 -13.13 -15.04 -9.61
N MET B 156 -13.55 -13.80 -9.79
CA MET B 156 -14.98 -13.45 -9.61
C MET B 156 -15.87 -14.12 -10.66
N LEU B 157 -15.43 -14.22 -11.91
CA LEU B 157 -16.25 -14.84 -12.99
C LEU B 157 -16.38 -16.36 -12.76
N HIS B 158 -15.34 -16.99 -12.23
CA HIS B 158 -15.40 -18.42 -11.87
C HIS B 158 -16.59 -18.60 -10.92
N TYR B 159 -16.63 -17.81 -9.85
CA TYR B 159 -17.69 -17.90 -8.82
C TYR B 159 -19.04 -17.40 -9.34
N ALA B 160 -19.03 -16.42 -10.25
CA ALA B 160 -20.28 -15.90 -10.83
C ALA B 160 -20.96 -17.05 -11.61
N LYS B 161 -20.15 -17.78 -12.37
CA LYS B 161 -20.65 -18.94 -13.17
C LYS B 161 -21.21 -19.99 -12.19
N LEU B 162 -20.49 -20.26 -11.12
CA LEU B 162 -20.93 -21.24 -10.08
C LEU B 162 -22.24 -20.73 -9.47
N ALA B 163 -22.32 -19.43 -9.20
CA ALA B 163 -23.52 -18.80 -8.61
C ALA B 163 -24.72 -19.03 -9.55
N GLU B 164 -24.51 -18.84 -10.85
CA GLU B 164 -25.56 -19.06 -11.88
C GLU B 164 -25.97 -20.54 -11.88
N ASP B 165 -25.01 -21.45 -12.01
CA ASP B 165 -25.25 -22.93 -12.10
C ASP B 165 -26.01 -23.46 -10.87
N THR B 166 -25.78 -22.90 -9.68
CA THR B 166 -26.35 -23.40 -8.40
C THR B 166 -27.59 -22.62 -8.01
N GLY B 167 -27.90 -21.57 -8.75
CA GLY B 167 -29.10 -20.74 -8.51
C GLY B 167 -28.95 -19.86 -7.28
N CYS B 168 -27.77 -19.39 -6.95
CA CYS B 168 -27.61 -18.39 -5.86
C CYS B 168 -28.46 -17.17 -6.16
N GLU B 169 -29.21 -16.71 -5.17
CA GLU B 169 -30.10 -15.54 -5.30
C GLU B 169 -29.28 -14.26 -5.42
N MET B 170 -28.08 -14.21 -4.84
CA MET B 170 -27.27 -12.96 -4.86
C MET B 170 -25.78 -13.30 -4.91
N LEU B 171 -25.01 -12.46 -5.59
CA LEU B 171 -23.54 -12.53 -5.65
C LEU B 171 -22.93 -11.23 -5.09
N CYS B 172 -22.01 -11.37 -4.15
CA CYS B 172 -21.29 -10.18 -3.63
C CYS B 172 -19.94 -10.15 -4.36
N ILE B 173 -19.71 -9.12 -5.17
CA ILE B 173 -18.58 -9.06 -6.14
C ILE B 173 -17.34 -8.49 -5.49
N GLY B 174 -17.40 -8.11 -4.22
CA GLY B 174 -16.23 -7.65 -3.49
C GLY B 174 -16.57 -7.22 -2.07
N CYS B 175 -15.55 -7.11 -1.24
CA CYS B 175 -15.70 -6.83 0.20
C CYS B 175 -14.57 -5.92 0.69
N ALA B 176 -14.90 -4.67 0.98
CA ALA B 176 -13.99 -3.70 1.60
C ALA B 176 -12.68 -3.58 0.80
N MET B 177 -12.78 -3.52 -0.53
CA MET B 177 -11.62 -3.30 -1.43
C MET B 177 -11.45 -1.77 -1.62
N VAL B 178 -11.22 -1.08 -0.52
CA VAL B 178 -11.20 0.40 -0.42
C VAL B 178 -10.26 0.99 -1.46
N GLN B 179 -9.03 0.48 -1.54
CA GLN B 179 -8.00 1.14 -2.37
C GLN B 179 -8.09 0.65 -3.82
N THR B 180 -9.14 -0.10 -4.18
CA THR B 180 -9.49 -0.38 -5.60
C THR B 180 -10.70 0.45 -6.04
N GLU B 181 -11.47 1.01 -5.13
CA GLU B 181 -12.83 1.53 -5.46
C GLU B 181 -12.73 2.74 -6.42
N ARG B 182 -11.61 3.46 -6.42
CA ARG B 182 -11.44 4.61 -7.35
C ARG B 182 -11.26 4.10 -8.77
N ARG B 183 -11.00 2.80 -8.97
CA ARG B 183 -10.78 2.24 -10.33
C ARG B 183 -12.13 1.98 -11.00
N GLU B 184 -12.89 3.04 -11.23
CA GLU B 184 -14.32 2.95 -11.58
C GLU B 184 -14.49 2.23 -12.92
N LYS B 185 -13.73 2.60 -13.95
CA LYS B 185 -13.87 1.96 -15.27
C LYS B 185 -13.67 0.45 -15.12
N GLU B 186 -12.68 0.03 -14.35
CA GLU B 186 -12.34 -1.41 -14.25
C GLU B 186 -13.46 -2.16 -13.48
N TRP B 187 -14.01 -1.55 -12.43
CA TRP B 187 -15.14 -2.16 -11.66
C TRP B 187 -16.35 -2.30 -12.58
N ARG B 188 -16.67 -1.28 -13.36
CA ARG B 188 -17.82 -1.32 -14.30
C ARG B 188 -17.56 -2.36 -15.41
N ASP B 189 -16.33 -2.50 -15.90
CA ASP B 189 -16.00 -3.54 -16.90
C ASP B 189 -16.21 -4.92 -16.27
N LEU B 190 -15.78 -5.10 -15.02
CA LEU B 190 -15.91 -6.40 -14.31
C LEU B 190 -17.40 -6.69 -14.15
N ILE B 191 -18.17 -5.67 -13.78
CA ILE B 191 -19.63 -5.89 -13.51
C ILE B 191 -20.31 -6.29 -14.83
N GLN B 192 -19.92 -5.68 -15.95
CA GLN B 192 -20.47 -6.01 -17.29
C GLN B 192 -20.23 -7.51 -17.58
N LYS B 193 -19.02 -7.97 -17.33
CA LYS B 193 -18.70 -9.39 -17.56
C LYS B 193 -19.55 -10.27 -16.63
N VAL B 194 -19.70 -9.87 -15.37
CA VAL B 194 -20.47 -10.66 -14.38
C VAL B 194 -21.91 -10.76 -14.87
N ARG B 195 -22.49 -9.65 -15.32
CA ARG B 195 -23.89 -9.63 -15.82
C ARG B 195 -24.07 -10.61 -16.97
N GLN B 196 -23.03 -10.85 -17.76
CA GLN B 196 -23.10 -11.76 -18.92
C GLN B 196 -23.20 -13.23 -18.49
N VAL B 197 -22.77 -13.58 -17.27
CA VAL B 197 -22.76 -15.01 -16.85
C VAL B 197 -23.64 -15.27 -15.61
N TYR B 198 -24.09 -14.22 -14.94
CA TYR B 198 -24.90 -14.36 -13.72
C TYR B 198 -26.11 -13.44 -13.82
N SER B 199 -27.28 -14.04 -13.71
CA SER B 199 -28.57 -13.32 -13.87
C SER B 199 -29.23 -12.96 -12.53
N GLY B 200 -28.59 -13.23 -11.40
CA GLY B 200 -29.21 -12.90 -10.11
C GLY B 200 -28.90 -11.49 -9.62
N ILE B 201 -29.11 -11.29 -8.32
CA ILE B 201 -28.88 -9.95 -7.72
C ILE B 201 -27.38 -9.74 -7.46
N ILE B 202 -26.89 -8.56 -7.75
CA ILE B 202 -25.46 -8.24 -7.52
C ILE B 202 -25.35 -7.16 -6.45
N THR B 203 -24.43 -7.35 -5.53
CA THR B 203 -24.12 -6.34 -4.50
C THR B 203 -22.60 -6.22 -4.42
N TYR B 204 -22.18 -5.07 -3.92
CA TYR B 204 -20.79 -4.80 -3.55
C TYR B 204 -20.84 -4.34 -2.08
N ASN B 205 -20.02 -4.98 -1.28
CA ASN B 205 -19.93 -4.74 0.17
C ASN B 205 -18.81 -3.71 0.44
N CYS B 206 -19.17 -2.45 0.60
CA CYS B 206 -18.13 -1.47 0.94
C CYS B 206 -17.74 -1.60 2.42
N ASP B 207 -16.59 -1.06 2.80
CA ASP B 207 -16.19 -1.09 4.22
C ASP B 207 -17.08 -0.16 5.05
N LYS B 208 -17.01 -0.31 6.37
CA LYS B 208 -17.57 0.62 7.37
C LYS B 208 -17.05 2.03 7.06
N TYR B 209 -17.94 3.02 7.15
CA TYR B 209 -17.75 4.48 6.93
C TYR B 209 -17.61 4.83 5.44
N GLN B 210 -17.70 3.87 4.52
CA GLN B 210 -17.44 4.16 3.09
C GLN B 210 -18.70 4.23 2.23
N GLU B 211 -19.89 4.21 2.83
CA GLU B 211 -21.15 4.18 2.04
C GLU B 211 -21.22 5.31 1.01
N ASP B 212 -20.65 6.48 1.33
CA ASP B 212 -20.73 7.65 0.44
C ASP B 212 -19.48 7.80 -0.43
N GLU B 213 -18.59 6.81 -0.42
CA GLU B 213 -17.31 6.87 -1.16
C GLU B 213 -17.29 6.04 -2.45
N VAL B 214 -18.37 5.37 -2.80
CA VAL B 214 -18.35 4.53 -4.03
C VAL B 214 -19.14 5.31 -5.10
N THR B 215 -18.47 5.64 -6.18
CA THR B 215 -19.09 6.45 -7.26
C THR B 215 -19.87 5.56 -8.23
N TRP B 216 -19.80 4.25 -8.09
CA TRP B 216 -20.44 3.34 -9.07
C TRP B 216 -21.56 2.46 -8.49
N TRP B 217 -22.21 2.89 -7.40
CA TRP B 217 -23.32 2.10 -6.81
C TRP B 217 -24.40 1.81 -7.87
N ASP B 218 -24.57 2.69 -8.86
CA ASP B 218 -25.58 2.49 -9.93
C ASP B 218 -25.35 1.16 -10.67
N ALA B 219 -24.10 0.70 -10.75
CA ALA B 219 -23.70 -0.51 -11.50
C ALA B 219 -24.16 -1.82 -10.82
N VAL B 220 -24.48 -1.77 -9.55
CA VAL B 220 -24.93 -2.98 -8.82
C VAL B 220 -26.43 -2.85 -8.52
N ASP B 221 -27.06 -3.94 -8.12
CA ASP B 221 -28.51 -3.92 -7.85
C ASP B 221 -28.81 -3.35 -6.45
N VAL B 222 -27.97 -3.71 -5.47
CA VAL B 222 -28.23 -3.37 -4.05
C VAL B 222 -26.94 -2.89 -3.39
N MET B 223 -27.02 -1.80 -2.67
CA MET B 223 -25.85 -1.26 -1.96
C MET B 223 -25.69 -2.04 -0.65
N SER B 224 -24.45 -2.26 -0.26
CA SER B 224 -24.23 -2.95 1.03
C SER B 224 -22.93 -2.46 1.70
N SER B 225 -22.90 -2.51 3.00
CA SER B 225 -21.69 -2.10 3.75
C SER B 225 -21.48 -2.99 4.97
N SER B 226 -20.33 -2.84 5.60
CA SER B 226 -19.99 -3.57 6.84
C SER B 226 -20.37 -2.68 8.05
N GLY B 227 -21.46 -2.99 8.71
CA GLY B 227 -21.96 -2.25 9.88
C GLY B 227 -21.28 -2.65 11.18
N TYR B 228 -20.00 -2.32 11.31
CA TYR B 228 -19.24 -2.60 12.56
C TYR B 228 -19.21 -1.30 13.38
N TYR B 229 -20.32 -0.56 13.42
CA TYR B 229 -20.37 0.73 14.14
C TYR B 229 -20.40 0.53 15.66
N PRO B 230 -19.56 1.27 16.40
CA PRO B 230 -19.47 1.11 17.83
C PRO B 230 -20.74 1.45 18.60
N ILE B 231 -20.82 0.91 19.80
CA ILE B 231 -21.93 1.18 20.74
C ILE B 231 -21.98 2.70 20.97
N GLY B 232 -23.19 3.25 20.92
CA GLY B 232 -23.40 4.69 21.15
C GLY B 232 -23.38 5.50 19.87
N SER B 233 -23.12 4.87 18.72
CA SER B 233 -23.04 5.58 17.42
C SER B 233 -24.15 5.19 16.44
N TRP B 234 -24.95 4.18 16.75
CA TRP B 234 -25.93 3.69 15.77
C TRP B 234 -26.97 4.73 15.33
N GLU B 235 -27.40 5.57 16.27
CA GLU B 235 -28.39 6.62 15.93
C GLU B 235 -27.77 7.56 14.90
N HIS B 236 -26.55 7.99 15.13
CA HIS B 236 -25.82 8.88 14.19
C HIS B 236 -25.67 8.19 12.83
N HIS B 237 -25.24 6.95 12.83
CA HIS B 237 -25.02 6.20 11.57
C HIS B 237 -26.34 5.99 10.81
N GLU B 238 -27.43 5.74 11.51
CA GLU B 238 -28.73 5.55 10.83
C GLU B 238 -29.06 6.84 10.05
N SER B 239 -28.83 7.98 10.68
CA SER B 239 -29.14 9.29 10.05
C SER B 239 -28.18 9.50 8.88
N ARG B 240 -26.89 9.23 9.08
CA ARG B 240 -25.85 9.38 7.98
C ARG B 240 -26.20 8.46 6.80
N ILE B 241 -26.48 7.18 7.07
CA ILE B 241 -26.65 6.17 6.00
C ILE B 241 -27.98 6.42 5.29
N LYS B 242 -29.02 6.78 6.03
CA LYS B 242 -30.33 7.10 5.41
C LYS B 242 -30.16 8.18 4.32
N LYS B 243 -29.38 9.22 4.59
CA LYS B 243 -29.19 10.35 3.64
C LYS B 243 -28.48 9.82 2.39
N ILE B 244 -27.46 8.98 2.59
CA ILE B 244 -26.69 8.39 1.46
C ILE B 244 -27.60 7.53 0.61
N VAL B 245 -28.36 6.64 1.24
CA VAL B 245 -29.20 5.67 0.48
C VAL B 245 -30.28 6.45 -0.27
N GLU B 246 -30.89 7.42 0.40
CA GLU B 246 -31.96 8.22 -0.24
C GLU B 246 -31.40 9.01 -1.42
N SER B 247 -30.18 9.51 -1.33
CA SER B 247 -29.62 10.25 -2.48
C SER B 247 -29.39 9.31 -3.67
N TRP B 248 -29.06 8.05 -3.43
CA TRP B 248 -28.83 7.09 -4.53
C TRP B 248 -30.12 6.49 -5.05
N GLN B 249 -31.15 6.40 -4.21
CA GLN B 249 -32.48 5.81 -4.55
C GLN B 249 -32.30 4.35 -4.93
N LYS B 250 -31.54 3.63 -4.11
CA LYS B 250 -31.31 2.19 -4.31
C LYS B 250 -31.52 1.44 -2.99
N PRO B 251 -31.82 0.13 -3.03
CA PRO B 251 -31.95 -0.66 -1.82
C PRO B 251 -30.58 -0.79 -1.13
N PHE B 252 -30.58 -0.86 0.20
CA PHE B 252 -29.36 -1.00 1.02
C PHE B 252 -29.55 -2.01 2.16
N PHE B 253 -28.52 -2.78 2.45
CA PHE B 253 -28.50 -3.61 3.68
C PHE B 253 -27.06 -3.74 4.16
N PHE B 254 -26.89 -4.29 5.35
CA PHE B 254 -25.55 -4.59 5.88
C PHE B 254 -25.14 -5.97 5.39
N MET B 255 -24.05 -6.02 4.61
CA MET B 255 -23.50 -7.31 4.15
C MET B 255 -22.65 -7.98 5.25
N GLU B 256 -22.15 -7.22 6.22
CA GLU B 256 -21.57 -7.75 7.46
C GLU B 256 -22.08 -6.86 8.60
N ALA B 257 -22.23 -7.44 9.77
CA ALA B 257 -22.49 -6.73 11.04
C ALA B 257 -22.30 -7.74 12.15
N GLY B 258 -21.61 -7.35 13.19
CA GLY B 258 -21.39 -8.24 14.34
C GLY B 258 -20.36 -7.65 15.28
N CYS B 259 -20.02 -8.40 16.30
CA CYS B 259 -19.16 -7.92 17.41
C CYS B 259 -18.69 -9.13 18.18
N PRO B 260 -17.38 -9.25 18.47
CA PRO B 260 -16.89 -10.35 19.29
C PRO B 260 -17.41 -10.24 20.73
N SER B 261 -17.52 -11.39 21.40
CA SER B 261 -17.99 -11.45 22.80
C SER B 261 -16.78 -11.21 23.69
N ARG B 262 -16.24 -10.00 23.68
CA ARG B 262 -15.00 -9.68 24.42
C ARG B 262 -15.08 -8.32 25.12
N LEU B 263 -14.25 -8.18 26.16
CA LEU B 263 -14.16 -6.93 26.92
C LEU B 263 -13.92 -5.77 25.95
N GLU B 264 -14.77 -4.77 26.02
CA GLU B 264 -14.68 -3.51 25.24
C GLU B 264 -14.78 -3.71 23.72
N SER B 265 -15.19 -4.88 23.23
CA SER B 265 -15.28 -5.10 21.76
C SER B 265 -16.32 -4.17 21.13
N GLY B 266 -17.37 -3.81 21.87
CA GLY B 266 -18.43 -2.91 21.37
C GLY B 266 -17.90 -1.55 20.96
N SER B 267 -16.75 -1.15 21.48
CA SER B 267 -16.10 0.15 21.13
C SER B 267 -15.45 0.04 19.74
N VAL B 268 -15.03 -1.16 19.37
CA VAL B 268 -14.36 -1.41 18.06
C VAL B 268 -14.84 -2.78 17.59
N PRO B 269 -16.10 -2.94 17.15
CA PRO B 269 -16.64 -4.23 16.73
C PRO B 269 -15.87 -4.91 15.58
N TYR B 270 -15.25 -4.13 14.69
CA TYR B 270 -14.49 -4.66 13.55
C TYR B 270 -13.10 -5.14 13.97
N ASP B 271 -12.65 -4.83 15.17
CA ASP B 271 -11.27 -5.21 15.58
C ASP B 271 -11.21 -6.66 16.04
N TRP B 272 -10.88 -7.56 15.13
CA TRP B 272 -10.82 -9.00 15.47
C TRP B 272 -9.62 -9.34 16.35
N ASN B 273 -8.70 -8.40 16.56
CA ASN B 273 -7.48 -8.69 17.36
C ASN B 273 -7.57 -8.09 18.76
N LYS B 274 -8.68 -7.44 19.06
CA LYS B 274 -8.90 -6.72 20.32
C LYS B 274 -9.22 -7.65 21.50
N ASN B 275 -8.38 -7.58 22.54
CA ASN B 275 -8.60 -8.30 23.81
C ASN B 275 -8.93 -9.78 23.62
N ARG B 276 -8.12 -10.51 22.86
CA ARG B 276 -8.33 -11.95 22.64
C ARG B 276 -8.40 -12.66 24.00
N GLY B 277 -9.40 -13.52 24.19
CA GLY B 277 -9.50 -14.30 25.43
C GLY B 277 -10.18 -13.58 26.59
N GLN B 278 -10.43 -12.28 26.48
CA GLN B 278 -11.11 -11.53 27.55
C GLN B 278 -12.60 -11.55 27.24
N ILE B 279 -13.32 -12.48 27.86
CA ILE B 279 -14.72 -12.82 27.49
C ILE B 279 -15.67 -11.77 28.06
N ASP B 280 -16.61 -11.31 27.24
CA ASP B 280 -17.71 -10.42 27.69
C ASP B 280 -18.92 -10.65 26.77
N MET B 281 -19.85 -11.46 27.24
CA MET B 281 -21.08 -11.81 26.50
C MET B 281 -21.99 -10.59 26.44
N ASP B 282 -22.00 -9.82 27.51
CA ASP B 282 -22.89 -8.64 27.62
C ASP B 282 -22.53 -7.60 26.56
N GLU B 283 -21.25 -7.37 26.35
CA GLU B 283 -20.77 -6.42 25.33
C GLU B 283 -21.37 -6.77 23.95
N GLN B 284 -21.33 -8.03 23.57
CA GLN B 284 -21.89 -8.48 22.29
C GLN B 284 -23.40 -8.25 22.29
N ARG B 285 -24.07 -8.63 23.38
CA ARG B 285 -25.55 -8.47 23.52
C ARG B 285 -25.94 -7.00 23.32
N VAL B 286 -25.25 -6.09 23.99
CA VAL B 286 -25.54 -4.63 23.95
C VAL B 286 -25.40 -4.13 22.50
N PHE B 287 -24.35 -4.56 21.81
CA PHE B 287 -24.10 -4.16 20.41
C PHE B 287 -25.34 -4.51 19.58
N TYR B 288 -25.76 -5.76 19.67
CA TYR B 288 -26.92 -6.24 18.90
C TYR B 288 -28.20 -5.46 19.25
N GLU B 289 -28.48 -5.29 20.54
CA GLU B 289 -29.68 -4.54 21.00
C GLU B 289 -29.64 -3.11 20.41
N GLU B 290 -28.51 -2.45 20.47
CA GLU B 290 -28.44 -1.07 19.92
C GLU B 290 -28.64 -1.08 18.40
N MET B 291 -27.94 -1.95 17.70
CA MET B 291 -28.02 -2.01 16.22
C MET B 291 -29.47 -2.18 15.77
N PHE B 292 -30.17 -3.14 16.36
CA PHE B 292 -31.58 -3.44 16.02
C PHE B 292 -32.52 -2.30 16.44
N LYS B 293 -32.15 -1.57 17.47
CA LYS B 293 -32.97 -0.44 17.95
C LYS B 293 -33.01 0.65 16.89
N PHE B 294 -31.91 0.87 16.19
CA PHE B 294 -31.86 1.97 15.19
C PHE B 294 -32.10 1.48 13.78
N PHE B 295 -31.68 0.28 13.44
CA PHE B 295 -31.93 -0.26 12.09
C PHE B 295 -32.91 -1.42 12.22
N HIS B 296 -34.11 -1.23 11.69
CA HIS B 296 -35.16 -2.26 11.81
C HIS B 296 -35.98 -2.38 10.53
N GLY B 297 -37.13 -1.72 10.46
CA GLY B 297 -38.02 -1.84 9.30
C GLY B 297 -38.15 -0.62 8.42
N GLN B 298 -37.20 0.31 8.44
CA GLN B 298 -37.22 1.46 7.50
C GLN B 298 -37.38 0.96 6.05
N LYS B 299 -38.24 1.61 5.28
CA LYS B 299 -38.57 1.16 3.90
C LYS B 299 -37.35 1.11 2.98
N TRP B 300 -36.33 1.92 3.27
CA TRP B 300 -35.12 1.96 2.41
C TRP B 300 -34.08 0.92 2.86
N PHE B 301 -34.32 0.28 3.99
CA PHE B 301 -33.38 -0.68 4.62
C PHE B 301 -33.87 -2.11 4.39
N TYR B 302 -32.95 -2.96 4.00
CA TYR B 302 -33.24 -4.31 3.66
C TYR B 302 -32.58 -5.37 4.52
N GLY B 303 -32.19 -5.00 5.73
CA GLY B 303 -31.72 -5.99 6.66
C GLY B 303 -30.28 -6.22 6.98
N PHE B 304 -30.01 -7.43 7.45
CA PHE B 304 -28.66 -7.75 7.94
C PHE B 304 -28.15 -9.13 7.53
N MET B 305 -26.91 -9.11 7.09
CA MET B 305 -26.13 -10.35 6.88
C MET B 305 -25.09 -10.31 8.02
N LEU B 306 -25.39 -11.02 9.09
CA LEU B 306 -24.55 -11.02 10.32
C LEU B 306 -23.22 -11.74 10.10
N TRP B 307 -22.24 -11.40 10.93
CA TRP B 307 -20.86 -11.93 10.92
C TRP B 307 -20.53 -12.48 12.30
N ASP B 308 -20.16 -13.74 12.44
CA ASP B 308 -20.27 -14.83 11.44
C ASP B 308 -20.46 -16.16 12.18
N TRP B 309 -20.45 -17.25 11.41
CA TRP B 309 -20.74 -18.63 11.87
C TRP B 309 -19.77 -19.61 11.18
N PRO B 310 -18.91 -20.32 11.92
CA PRO B 310 -17.89 -21.17 11.33
C PRO B 310 -18.46 -22.51 10.83
N ALA B 311 -17.72 -23.18 9.94
CA ALA B 311 -18.09 -24.50 9.45
C ALA B 311 -17.97 -25.51 10.60
N LYS B 312 -16.93 -25.35 11.41
CA LYS B 312 -16.72 -26.21 12.59
C LYS B 312 -17.12 -25.41 13.82
N LEU B 313 -18.30 -25.72 14.33
CA LEU B 313 -18.88 -24.97 15.47
C LEU B 313 -18.37 -25.51 16.80
N TYR B 314 -18.09 -24.63 17.75
CA TYR B 314 -17.67 -25.05 19.11
C TYR B 314 -18.86 -25.69 19.85
N ARG B 315 -18.54 -26.50 20.85
CA ARG B 315 -19.58 -27.14 21.68
C ARG B 315 -20.32 -26.07 22.48
N LEU B 316 -21.61 -26.29 22.67
CA LEU B 316 -22.47 -25.39 23.44
C LEU B 316 -21.85 -25.17 24.82
N GLU B 317 -21.20 -26.18 25.40
CA GLU B 317 -20.57 -26.08 26.74
C GLU B 317 -19.36 -25.14 26.74
N ASP B 318 -18.78 -24.88 25.57
CA ASP B 318 -17.58 -24.02 25.47
C ASP B 318 -17.99 -22.59 25.08
N ALA B 319 -19.27 -22.35 24.85
CA ALA B 319 -19.74 -21.04 24.38
C ALA B 319 -19.35 -19.90 25.32
N SER B 320 -19.52 -20.10 26.63
CA SER B 320 -19.27 -19.04 27.63
C SER B 320 -17.79 -18.64 27.71
N GLU B 321 -16.88 -19.45 27.16
CA GLU B 321 -15.45 -19.09 27.13
C GLU B 321 -14.99 -18.83 25.69
N ASN B 322 -15.92 -18.60 24.77
CA ASN B 322 -15.56 -18.37 23.36
C ASN B 322 -15.52 -16.87 23.05
N ASP B 323 -14.47 -16.41 22.39
CA ASP B 323 -14.25 -14.97 22.16
C ASP B 323 -14.52 -14.55 20.70
N ASP B 324 -15.14 -15.41 19.91
CA ASP B 324 -15.37 -15.17 18.46
C ASP B 324 -16.56 -14.24 18.22
N TYR B 325 -16.77 -13.88 16.96
CA TYR B 325 -17.96 -13.11 16.51
C TYR B 325 -19.21 -13.99 16.68
N CYS B 326 -19.06 -15.30 16.53
CA CYS B 326 -20.17 -16.26 16.60
C CYS B 326 -21.04 -16.04 17.84
N VAL B 327 -22.35 -16.06 17.67
CA VAL B 327 -23.32 -15.81 18.76
C VAL B 327 -23.83 -17.14 19.34
N TYR B 328 -23.44 -18.26 18.74
CA TYR B 328 -23.94 -19.58 19.20
C TYR B 328 -23.68 -19.77 20.71
N GLY B 329 -24.74 -20.09 21.44
CA GLY B 329 -24.68 -20.36 22.89
C GLY B 329 -24.46 -19.10 23.70
N LYS B 330 -24.68 -17.93 23.11
CA LYS B 330 -24.49 -16.63 23.79
C LYS B 330 -25.80 -15.84 23.84
N PRO B 331 -25.92 -14.87 24.78
CA PRO B 331 -27.10 -14.04 24.91
C PRO B 331 -27.47 -13.29 23.61
N ALA B 332 -26.48 -12.88 22.83
CA ALA B 332 -26.70 -12.17 21.54
C ALA B 332 -27.58 -13.01 20.60
N ALA B 333 -27.37 -14.32 20.55
CA ALA B 333 -28.16 -15.20 19.66
C ALA B 333 -29.64 -15.00 19.97
N GLU B 334 -29.97 -14.84 21.24
CA GLU B 334 -31.37 -14.64 21.71
C GLU B 334 -31.88 -13.26 21.19
N VAL B 335 -31.05 -12.24 21.25
CA VAL B 335 -31.45 -10.91 20.70
C VAL B 335 -31.78 -11.09 19.21
N ILE B 336 -30.90 -11.75 18.47
CA ILE B 336 -31.07 -11.96 17.02
C ILE B 336 -32.36 -12.73 16.75
N LYS B 337 -32.57 -13.83 17.47
CA LYS B 337 -33.77 -14.68 17.26
C LYS B 337 -35.05 -13.87 17.52
N SER B 338 -35.15 -13.19 18.65
CA SER B 338 -36.37 -12.38 18.94
C SER B 338 -36.55 -11.30 17.85
N PHE B 339 -35.46 -10.66 17.41
CA PHE B 339 -35.55 -9.64 16.33
C PHE B 339 -36.06 -10.28 15.03
N PHE B 340 -35.41 -11.33 14.56
CA PHE B 340 -35.79 -11.99 13.27
C PHE B 340 -37.19 -12.64 13.32
N THR B 341 -37.69 -13.01 14.50
CA THR B 341 -39.03 -13.67 14.55
C THR B 341 -40.11 -12.66 14.97
N SER B 342 -39.72 -11.42 15.24
CA SER B 342 -40.68 -10.38 15.67
C SER B 342 -41.59 -10.00 14.50
N ASN B 343 -42.81 -9.60 14.81
CA ASN B 343 -43.82 -9.34 13.75
C ASN B 343 -43.37 -8.19 12.84
N LYS B 344 -42.92 -7.09 13.44
CA LYS B 344 -42.40 -5.89 12.75
C LYS B 344 -41.41 -6.31 11.66
N ILE B 345 -40.47 -7.20 11.98
CA ILE B 345 -39.44 -7.69 11.01
C ILE B 345 -40.00 -8.86 10.20
N ALA B 346 -40.97 -9.59 10.76
CA ALA B 346 -41.60 -10.67 9.98
C ALA B 346 -42.46 -10.06 8.87
N LYS B 347 -42.92 -8.82 9.05
CA LYS B 347 -43.76 -8.09 8.05
C LYS B 347 -42.92 -7.64 6.84
N ARG B 348 -41.61 -7.49 7.01
CA ARG B 348 -40.75 -7.03 5.89
C ARG B 348 -40.50 -8.21 4.95
#